data_1FFR
#
_entry.id   1FFR
#
_cell.length_a   200.172
_cell.length_b   131.921
_cell.length_c   59.268
_cell.angle_alpha   90.00
_cell.angle_beta   90.00
_cell.angle_gamma   90.00
#
_symmetry.space_group_name_H-M   'C 2 2 21'
#
loop_
_entity.id
_entity.type
_entity.pdbx_description
1 polymer 'CHITINASE A'
2 branched 2-acetamido-2-deoxy-beta-D-glucopyranose-(1-4)-2-acetamido-2-deoxy-beta-D-glucopyranose-(1-4)-2-acetamido-2-deoxy-beta-D-glucopyranose-(1-4)-2-acetamido-2-deoxy-beta-D-glucopyranose-(1-4)-2-acetamido-2-deoxy-beta-D-glucopyranose-(1-4)-2-acetamido-2-deoxy-beta-D-glucopyranose-(1-4)-2-acetamido-2-deoxy-beta-D-glucopyranose
3 water water
#
_entity_poly.entity_id   1
_entity_poly.type   'polypeptide(L)'
_entity_poly.pdbx_seq_one_letter_code
;AAPGKPTIAWGNTKFAIVEVDQAATAYNNLVKVKNAADVSVSWNLWNGDTGTTAKVLLNGKEAWSGPSTGSSGTANFKVN
KGGRYQMQVALCNADGCTASDATEIVVADTDGSHLAPLKEPLLEKNKPYKQNSGKVVGSYFVEWGVYGRNFTVDKIPAQN
LTHLLYGFIPICGGNGINDSLKEIEGSFQALQRSCQGREDFKVSIHDPFAALQKAQKGVTAWDDPYKGNFGQLMALKQAH
PDLKILPSIGGWTLSDPFFFMGDKVKRDRFVGSVKEFLQTWKFFDGVDIDWEFPGGKGANPNLGSPQDGETYVLLMKELR
AMLDQLSVETGRKYELTSAISAGKDKIDKVAYNVAQNSMDHIFLMSFDFYGAFDLKNLGHQTALNAPAWKPDTAYTTVNG
VNALLAQGVKPGKIVVGTAMYGRGWTGVNGYQNNIPFTGTATGPVKGTWENGIVDYRQIAGQFMSGEWQYTYDATAEAPY
VFKPSTGDLITFDDARSVQAKGKYVLDKQLGGLFSWEIDADNGDILNSMNASLGNSAGVQ
;
_entity_poly.pdbx_strand_id   A
#
loop_
_chem_comp.id
_chem_comp.type
_chem_comp.name
_chem_comp.formula
NAG D-saccharide, beta linking 2-acetamido-2-deoxy-beta-D-glucopyranose 'C8 H15 N O6'
#
# COMPACT_ATOMS: atom_id res chain seq x y z
N ALA A 1 56.39 13.68 -16.87
CA ALA A 1 55.62 12.40 -16.68
C ALA A 1 54.23 12.75 -16.16
N ALA A 2 53.28 11.87 -16.39
CA ALA A 2 51.92 12.04 -15.83
C ALA A 2 51.92 12.03 -14.33
N PRO A 3 50.91 12.54 -13.67
CA PRO A 3 50.87 12.68 -12.23
C PRO A 3 50.89 11.33 -11.54
N GLY A 4 51.21 11.30 -10.25
CA GLY A 4 51.11 10.06 -9.49
C GLY A 4 49.65 9.63 -9.31
N LYS A 5 49.45 8.35 -9.01
CA LYS A 5 48.07 7.84 -8.84
C LYS A 5 47.53 8.19 -7.47
N PRO A 6 46.41 8.91 -7.39
CA PRO A 6 45.82 9.37 -6.17
C PRO A 6 45.12 8.20 -5.42
N THR A 7 45.04 8.36 -4.14
CA THR A 7 44.33 7.44 -3.25
C THR A 7 43.08 8.11 -2.74
N ILE A 8 41.90 7.49 -2.99
CA ILE A 8 40.68 8.14 -2.50
C ILE A 8 40.65 8.07 -0.99
N ALA A 9 40.32 9.15 -0.32
CA ALA A 9 40.31 9.23 1.13
C ALA A 9 39.12 8.40 1.64
N TRP A 10 39.34 7.68 2.73
CA TRP A 10 38.21 7.12 3.48
C TRP A 10 37.21 8.18 3.84
N GLY A 11 35.90 7.87 3.67
CA GLY A 11 34.89 8.88 3.96
C GLY A 11 33.49 8.31 3.58
N ASN A 12 32.49 9.07 3.94
CA ASN A 12 31.11 8.63 3.67
C ASN A 12 30.95 8.45 2.16
N THR A 13 30.31 7.39 1.73
CA THR A 13 30.08 7.19 0.30
C THR A 13 28.58 7.06 0.01
N LYS A 14 27.77 7.33 1.05
CA LYS A 14 26.32 7.23 0.83
C LYS A 14 25.65 8.54 0.86
N PHE A 15 24.90 8.92 -0.20
CA PHE A 15 24.36 10.27 -0.31
C PHE A 15 22.90 10.14 -0.80
N ALA A 16 22.13 11.18 -0.57
CA ALA A 16 20.68 11.10 -0.94
C ALA A 16 20.18 12.36 -1.63
N ILE A 17 19.25 12.15 -2.58
CA ILE A 17 18.55 13.20 -3.31
C ILE A 17 17.33 13.67 -2.48
N VAL A 18 16.70 12.69 -1.85
CA VAL A 18 15.63 13.04 -0.89
C VAL A 18 16.20 12.68 0.49
N GLU A 19 16.50 13.71 1.26
CA GLU A 19 17.15 13.49 2.57
C GLU A 19 16.10 13.20 3.63
N VAL A 20 16.46 12.36 4.58
CA VAL A 20 15.54 12.10 5.71
C VAL A 20 16.25 12.52 6.99
N ASP A 21 15.61 13.43 7.74
CA ASP A 21 16.18 13.94 8.97
C ASP A 21 15.88 12.92 10.06
N GLN A 22 16.97 12.43 10.65
CA GLN A 22 16.92 11.27 11.54
C GLN A 22 16.53 11.75 12.94
N ALA A 23 16.38 13.05 13.17
CA ALA A 23 15.91 13.50 14.48
C ALA A 23 14.78 14.50 14.24
N ALA A 24 13.76 14.02 13.52
CA ALA A 24 12.55 14.80 13.25
C ALA A 24 11.31 13.92 13.40
N THR A 25 10.28 14.36 14.10
CA THR A 25 9.05 13.59 14.20
C THR A 25 7.92 14.21 13.39
N ALA A 26 8.13 15.46 12.95
CA ALA A 26 7.12 16.14 12.12
C ALA A 26 7.43 15.88 10.63
N TYR A 27 6.38 15.54 9.87
CA TYR A 27 6.65 15.17 8.45
C TYR A 27 7.34 16.31 7.74
N ASN A 28 6.96 17.56 7.99
CA ASN A 28 7.58 18.69 7.32
C ASN A 28 9.10 18.72 7.46
N ASN A 29 9.59 18.37 8.63
CA ASN A 29 11.04 18.33 8.86
C ASN A 29 11.68 17.01 8.46
N LEU A 30 10.94 15.94 8.44
CA LEU A 30 11.43 14.58 8.26
C LEU A 30 12.02 14.37 6.87
N VAL A 31 11.39 14.97 5.87
CA VAL A 31 11.89 14.67 4.51
C VAL A 31 12.25 15.99 3.84
N LYS A 32 13.36 16.00 3.13
CA LYS A 32 13.78 17.17 2.36
C LYS A 32 14.12 16.72 0.93
N VAL A 33 13.25 17.09 0.00
CA VAL A 33 13.51 16.78 -1.41
C VAL A 33 14.47 17.85 -1.97
N LYS A 34 15.58 17.39 -2.51
CA LYS A 34 16.51 18.25 -3.24
C LYS A 34 16.43 17.92 -4.72
N ASN A 35 16.92 18.84 -5.55
CA ASN A 35 17.05 18.58 -6.97
C ASN A 35 18.16 17.56 -7.24
N ALA A 36 19.13 17.50 -6.33
CA ALA A 36 20.34 16.72 -6.55
C ALA A 36 20.98 16.39 -5.19
N ALA A 37 21.71 15.28 -5.11
CA ALA A 37 22.42 14.94 -3.90
C ALA A 37 23.73 15.75 -3.79
N ASP A 38 23.98 16.27 -2.59
CA ASP A 38 25.35 16.86 -2.40
C ASP A 38 26.38 15.77 -2.14
N VAL A 39 27.28 15.52 -3.06
CA VAL A 39 28.35 14.54 -2.83
C VAL A 39 29.70 15.18 -2.52
N SER A 40 30.52 14.48 -1.73
CA SER A 40 31.88 14.99 -1.43
C SER A 40 32.83 13.83 -1.59
N VAL A 41 34.06 14.08 -2.04
CA VAL A 41 35.12 13.12 -2.13
C VAL A 41 36.45 13.86 -1.86
N SER A 42 37.35 13.11 -1.19
CA SER A 42 38.64 13.72 -0.91
C SER A 42 39.69 12.68 -1.35
N TRP A 43 40.94 13.09 -1.54
CA TRP A 43 41.98 12.23 -1.98
C TRP A 43 43.33 12.74 -1.44
N ASN A 44 44.26 11.77 -1.40
CA ASN A 44 45.64 12.06 -1.11
C ASN A 44 46.54 11.51 -2.21
N LEU A 45 47.72 12.15 -2.33
CA LEU A 45 48.71 11.59 -3.23
C LEU A 45 49.99 11.29 -2.43
N TRP A 46 50.28 10.00 -2.34
CA TRP A 46 51.35 9.46 -1.53
C TRP A 46 52.66 9.38 -2.29
N ASN A 47 52.57 9.35 -3.62
CA ASN A 47 53.75 9.20 -4.47
C ASN A 47 53.66 10.16 -5.66
N GLY A 48 54.55 11.16 -5.69
CA GLY A 48 54.74 11.86 -6.97
C GLY A 48 54.17 13.26 -7.09
N ASP A 49 54.08 13.64 -8.37
CA ASP A 49 53.62 14.95 -8.80
C ASP A 49 52.08 15.00 -8.76
N THR A 50 51.55 16.08 -8.22
CA THR A 50 50.09 16.09 -7.99
C THR A 50 49.37 16.52 -9.26
N GLY A 51 50.03 16.76 -10.40
CA GLY A 51 49.20 17.04 -11.59
C GLY A 51 48.87 18.54 -11.53
N THR A 52 48.17 19.04 -12.54
CA THR A 52 47.67 20.44 -12.37
C THR A 52 46.16 20.54 -12.40
N THR A 53 45.44 19.47 -12.72
CA THR A 53 43.98 19.52 -12.63
C THR A 53 43.51 18.20 -11.95
N ALA A 54 42.62 18.40 -10.97
CA ALA A 54 42.06 17.12 -10.43
C ALA A 54 40.63 16.99 -10.94
N LYS A 55 40.18 15.73 -11.10
CA LYS A 55 38.79 15.59 -11.58
C LYS A 55 38.14 14.47 -10.74
N VAL A 56 36.84 14.58 -10.53
CA VAL A 56 36.10 13.41 -10.02
C VAL A 56 35.28 12.81 -11.17
N LEU A 57 35.40 11.51 -11.37
CA LEU A 57 34.71 10.84 -12.47
C LEU A 57 33.64 9.92 -11.85
N LEU A 58 32.47 9.88 -12.49
CA LEU A 58 31.54 8.77 -12.10
C LEU A 58 31.31 7.88 -13.31
N ASN A 59 31.70 6.62 -13.27
CA ASN A 59 31.58 5.78 -14.45
C ASN A 59 32.35 6.44 -15.61
N GLY A 60 33.47 7.08 -15.27
CA GLY A 60 34.30 7.63 -16.35
C GLY A 60 33.93 9.04 -16.79
N LYS A 61 32.79 9.54 -16.36
CA LYS A 61 32.35 10.87 -16.70
C LYS A 61 32.60 11.93 -15.66
N GLU A 62 33.18 13.04 -16.08
CA GLU A 62 33.50 14.13 -15.14
C GLU A 62 32.31 14.72 -14.41
N ALA A 63 32.30 14.65 -13.08
CA ALA A 63 31.31 15.36 -12.26
C ALA A 63 31.86 16.61 -11.61
N TRP A 64 33.21 16.72 -11.59
CA TRP A 64 33.82 17.92 -10.98
C TRP A 64 35.25 18.05 -11.52
N SER A 65 35.72 19.29 -11.55
CA SER A 65 37.17 19.43 -11.87
C SER A 65 37.63 20.73 -11.28
N GLY A 66 38.91 20.77 -10.87
CA GLY A 66 39.48 22.01 -10.33
C GLY A 66 41.01 21.87 -10.43
N PRO A 67 41.67 22.94 -10.08
CA PRO A 67 43.13 22.97 -10.06
C PRO A 67 43.70 21.98 -9.06
N SER A 68 44.76 21.25 -9.31
CA SER A 68 45.30 20.38 -8.27
C SER A 68 46.42 21.12 -7.53
N THR A 69 46.20 21.47 -6.27
CA THR A 69 47.14 22.43 -5.67
C THR A 69 47.91 21.89 -4.48
N GLY A 70 47.66 20.65 -4.07
CA GLY A 70 48.56 20.06 -3.06
C GLY A 70 48.33 18.55 -3.05
N SER A 71 48.97 17.93 -2.07
CA SER A 71 48.94 16.47 -2.03
C SER A 71 47.60 15.91 -1.53
N SER A 72 46.74 16.75 -1.01
CA SER A 72 45.39 16.31 -0.65
C SER A 72 44.39 17.28 -1.27
N GLY A 73 43.18 16.79 -1.50
CA GLY A 73 42.15 17.73 -1.97
C GLY A 73 40.76 17.24 -1.62
N THR A 74 39.80 18.13 -1.78
CA THR A 74 38.40 17.78 -1.56
C THR A 74 37.56 18.38 -2.70
N ALA A 75 36.56 17.63 -3.12
CA ALA A 75 35.60 18.13 -4.11
C ALA A 75 34.16 17.98 -3.62
N ASN A 76 33.36 19.03 -3.85
CA ASN A 76 31.94 18.97 -3.45
C ASN A 76 31.13 19.21 -4.73
N PHE A 77 30.22 18.32 -5.07
CA PHE A 77 29.47 18.46 -6.31
C PHE A 77 28.11 17.79 -6.16
N LYS A 78 27.31 17.99 -7.21
CA LYS A 78 25.93 17.53 -7.14
C LYS A 78 25.70 16.35 -8.06
N VAL A 79 24.88 15.39 -7.64
CA VAL A 79 24.56 14.26 -8.48
C VAL A 79 23.02 14.19 -8.58
N ASN A 80 22.53 14.31 -9.83
CA ASN A 80 21.04 14.48 -9.88
C ASN A 80 20.31 13.24 -10.24
N LYS A 81 20.90 12.10 -10.35
CA LYS A 81 20.28 10.82 -10.61
C LYS A 81 20.73 9.75 -9.67
N GLY A 82 19.72 9.05 -9.11
CA GLY A 82 19.97 7.96 -8.17
C GLY A 82 20.62 6.76 -8.81
N GLY A 83 21.45 5.99 -8.10
CA GLY A 83 22.06 4.77 -8.53
C GLY A 83 23.39 4.57 -7.80
N ARG A 84 24.12 3.55 -8.22
CA ARG A 84 25.45 3.24 -7.68
C ARG A 84 26.47 3.59 -8.77
N TYR A 85 27.48 4.35 -8.39
CA TYR A 85 28.49 4.82 -9.36
C TYR A 85 29.90 4.39 -9.00
N GLN A 86 30.70 4.01 -10.02
CA GLN A 86 32.12 3.78 -9.79
C GLN A 86 32.82 5.14 -9.86
N MET A 87 33.26 5.65 -8.72
CA MET A 87 33.86 7.00 -8.71
C MET A 87 35.37 6.88 -8.62
N GLN A 88 36.00 7.71 -9.44
CA GLN A 88 37.45 7.81 -9.44
C GLN A 88 37.86 9.27 -9.33
N VAL A 89 39.04 9.46 -8.76
CA VAL A 89 39.72 10.76 -8.82
C VAL A 89 40.86 10.64 -9.82
N ALA A 90 40.98 11.59 -10.75
CA ALA A 90 42.08 11.55 -11.70
C ALA A 90 42.86 12.86 -11.55
N LEU A 91 44.17 12.70 -11.53
CA LEU A 91 45.02 13.90 -11.60
C LEU A 91 45.62 13.97 -13.00
N CYS A 92 45.58 15.15 -13.61
CA CYS A 92 45.98 15.23 -15.02
C CYS A 92 47.10 16.31 -15.11
N ASN A 93 47.99 16.14 -16.07
CA ASN A 93 48.81 17.28 -16.48
C ASN A 93 49.02 17.12 -17.97
N ALA A 94 49.90 17.98 -18.54
CA ALA A 94 50.02 17.89 -20.00
C ALA A 94 50.49 16.52 -20.46
N ASP A 95 51.17 15.74 -19.62
CA ASP A 95 51.72 14.46 -20.05
C ASP A 95 50.75 13.30 -19.80
N GLY A 96 49.62 13.54 -19.15
CA GLY A 96 48.65 12.41 -19.11
C GLY A 96 47.80 12.54 -17.85
N CYS A 97 46.84 11.59 -17.74
CA CYS A 97 45.90 11.63 -16.61
C CYS A 97 46.10 10.28 -15.88
N THR A 98 46.08 10.31 -14.54
CA THR A 98 46.29 9.04 -13.85
C THR A 98 45.11 8.91 -12.88
N ALA A 99 44.36 7.84 -13.06
CA ALA A 99 43.13 7.70 -12.28
C ALA A 99 43.33 6.75 -11.10
N SER A 100 42.68 7.07 -9.99
CA SER A 100 42.67 6.22 -8.82
C SER A 100 41.89 4.93 -9.13
N ASP A 101 42.10 3.94 -8.26
CA ASP A 101 41.14 2.83 -8.29
C ASP A 101 39.75 3.41 -8.03
N ALA A 102 38.72 2.72 -8.52
CA ALA A 102 37.35 3.16 -8.27
C ALA A 102 36.86 2.82 -6.86
N THR A 103 36.07 3.71 -6.31
CA THR A 103 35.31 3.52 -5.05
C THR A 103 33.82 3.64 -5.40
N GLU A 104 32.99 2.68 -4.98
CA GLU A 104 31.55 2.83 -5.27
C GLU A 104 30.96 3.93 -4.39
N ILE A 105 30.10 4.75 -4.96
CA ILE A 105 29.30 5.64 -4.13
C ILE A 105 27.82 5.34 -4.45
N VAL A 106 27.02 5.56 -3.42
CA VAL A 106 25.62 5.23 -3.55
C VAL A 106 24.81 6.55 -3.48
N VAL A 107 24.08 6.86 -4.55
CA VAL A 107 23.23 8.06 -4.59
C VAL A 107 21.77 7.62 -4.50
N ALA A 108 21.19 7.88 -3.35
CA ALA A 108 19.83 7.46 -3.02
C ALA A 108 18.75 8.35 -3.61
N ASP A 109 17.68 7.68 -3.96
CA ASP A 109 16.46 8.30 -4.46
C ASP A 109 15.26 7.40 -4.19
N THR A 110 14.04 8.02 -4.16
CA THR A 110 12.91 7.25 -3.65
C THR A 110 12.21 6.39 -4.72
N ASP A 111 12.76 6.34 -5.95
CA ASP A 111 12.44 5.19 -6.82
C ASP A 111 13.16 3.93 -6.47
N GLY A 112 14.14 3.90 -5.53
CA GLY A 112 14.78 2.65 -5.16
C GLY A 112 15.97 2.32 -6.10
N SER A 113 16.41 3.32 -6.80
CA SER A 113 17.45 3.16 -7.82
C SER A 113 18.78 2.80 -7.17
N HIS A 114 18.94 3.11 -5.89
CA HIS A 114 20.19 2.81 -5.20
C HIS A 114 20.18 1.44 -4.57
N LEU A 115 19.01 0.78 -4.64
CA LEU A 115 18.80 -0.44 -3.86
C LEU A 115 18.89 -1.76 -4.63
N ALA A 116 19.39 -2.81 -3.99
CA ALA A 116 19.30 -4.14 -4.59
C ALA A 116 17.83 -4.48 -4.67
N PRO A 117 17.45 -5.32 -5.59
CA PRO A 117 16.09 -5.83 -5.69
C PRO A 117 15.77 -6.56 -4.40
N LEU A 118 14.55 -6.40 -3.86
CA LEU A 118 14.16 -7.30 -2.78
C LEU A 118 13.35 -8.45 -3.38
N LYS A 119 14.00 -9.60 -3.59
CA LYS A 119 13.34 -10.71 -4.30
C LYS A 119 13.35 -11.95 -3.43
N GLU A 120 12.41 -12.02 -2.49
CA GLU A 120 12.41 -13.00 -1.42
C GLU A 120 11.58 -14.23 -1.77
N PRO A 121 11.96 -15.36 -1.20
CA PRO A 121 11.23 -16.60 -1.32
C PRO A 121 9.80 -16.48 -0.84
N LEU A 122 8.93 -17.20 -1.56
CA LEU A 122 7.53 -17.35 -1.11
C LEU A 122 7.53 -18.10 0.22
N LEU A 123 6.73 -17.62 1.17
CA LEU A 123 6.56 -18.29 2.45
C LEU A 123 5.24 -19.00 2.61
N GLU A 124 5.09 -19.75 3.71
CA GLU A 124 3.87 -20.45 4.04
C GLU A 124 3.35 -21.28 2.88
N LYS A 125 2.09 -21.17 2.49
CA LYS A 125 1.49 -21.97 1.43
C LYS A 125 1.49 -21.29 0.06
N ASN A 126 2.12 -20.13 -0.06
CA ASN A 126 2.12 -19.36 -1.29
C ASN A 126 2.85 -20.11 -2.41
N LYS A 127 2.25 -20.18 -3.58
CA LYS A 127 2.88 -20.79 -4.75
C LYS A 127 2.97 -19.80 -5.87
N PRO A 128 3.89 -19.95 -6.79
CA PRO A 128 4.21 -18.92 -7.76
C PRO A 128 3.22 -18.93 -8.90
N TYR A 129 2.75 -17.74 -9.25
CA TYR A 129 1.89 -17.53 -10.40
C TYR A 129 2.50 -16.47 -11.32
N LYS A 130 2.22 -16.63 -12.61
CA LYS A 130 2.55 -15.63 -13.60
C LYS A 130 1.40 -14.64 -13.74
N GLN A 131 1.66 -13.34 -13.74
CA GLN A 131 0.54 -12.41 -13.92
C GLN A 131 0.19 -12.33 -15.41
N ASN A 132 -0.47 -13.34 -15.94
CA ASN A 132 -0.67 -13.31 -17.41
C ASN A 132 -2.12 -13.37 -17.79
N SER A 133 -3.03 -13.22 -16.83
CA SER A 133 -4.47 -13.23 -17.09
C SER A 133 -4.99 -11.91 -17.63
N GLY A 134 -4.27 -10.82 -17.39
CA GLY A 134 -4.80 -9.51 -17.69
C GLY A 134 -5.76 -9.02 -16.60
N LYS A 135 -5.90 -9.80 -15.53
CA LYS A 135 -6.86 -9.35 -14.50
C LYS A 135 -6.11 -8.76 -13.32
N VAL A 136 -6.77 -7.84 -12.61
CA VAL A 136 -6.21 -7.36 -11.34
C VAL A 136 -6.14 -8.48 -10.30
N VAL A 137 -5.01 -8.53 -9.58
CA VAL A 137 -4.88 -9.34 -8.38
C VAL A 137 -4.25 -8.42 -7.34
N GLY A 138 -5.08 -7.96 -6.39
CA GLY A 138 -4.57 -6.92 -5.49
C GLY A 138 -4.65 -7.36 -4.03
N SER A 139 -3.90 -6.61 -3.21
CA SER A 139 -4.05 -6.83 -1.76
C SER A 139 -3.56 -5.60 -1.04
N TYR A 140 -4.08 -5.45 0.20
CA TYR A 140 -3.66 -4.30 1.00
C TYR A 140 -2.57 -4.75 1.99
N PHE A 141 -1.56 -3.94 2.21
CA PHE A 141 -0.59 -4.13 3.27
C PHE A 141 -0.70 -3.01 4.30
N VAL A 142 -0.77 -3.35 5.58
CA VAL A 142 -1.08 -2.31 6.58
C VAL A 142 0.18 -1.91 7.30
N GLU A 143 0.33 -0.57 7.38
CA GLU A 143 1.56 0.01 7.92
C GLU A 143 1.90 -0.54 9.30
N TRP A 144 0.87 -0.70 10.13
CA TRP A 144 1.06 -1.15 11.52
C TRP A 144 1.21 -2.66 11.69
N GLY A 145 1.12 -3.39 10.60
CA GLY A 145 1.24 -4.85 10.66
C GLY A 145 2.67 -5.30 11.00
N VAL A 146 3.64 -4.41 11.01
CA VAL A 146 5.03 -4.72 11.29
C VAL A 146 5.34 -4.86 12.77
N TYR A 147 4.37 -4.56 13.62
CA TYR A 147 4.58 -4.69 15.07
C TYR A 147 4.00 -6.03 15.50
N GLY A 148 2.85 -6.09 16.16
CA GLY A 148 2.28 -7.37 16.61
C GLY A 148 2.17 -8.47 15.56
N ARG A 149 1.64 -8.12 14.39
CA ARG A 149 1.41 -9.11 13.32
C ARG A 149 2.71 -9.58 12.69
N ASN A 150 3.76 -8.84 12.93
CA ASN A 150 5.13 -9.03 12.50
C ASN A 150 5.23 -9.33 10.99
N PHE A 151 4.36 -8.65 10.24
CA PHE A 151 4.32 -8.97 8.80
C PHE A 151 4.90 -7.82 8.01
N THR A 152 6.06 -8.04 7.42
CA THR A 152 6.88 -6.99 6.82
C THR A 152 6.85 -7.14 5.30
N VAL A 153 7.33 -6.12 4.60
CA VAL A 153 7.25 -6.13 3.12
C VAL A 153 8.00 -7.31 2.51
N ASP A 154 9.12 -7.70 3.14
CA ASP A 154 9.79 -8.91 2.60
C ASP A 154 8.95 -10.17 2.70
N LYS A 155 7.85 -10.20 3.44
CA LYS A 155 6.95 -11.33 3.54
C LYS A 155 5.81 -11.26 2.50
N ILE A 156 5.68 -10.19 1.75
CA ILE A 156 4.55 -10.14 0.77
C ILE A 156 4.92 -11.04 -0.42
N PRO A 157 3.99 -11.86 -0.87
CA PRO A 157 4.17 -12.76 -2.02
C PRO A 157 4.01 -11.96 -3.29
N ALA A 158 4.91 -10.99 -3.48
CA ALA A 158 4.73 -9.92 -4.48
C ALA A 158 4.61 -10.32 -5.93
N GLN A 159 5.31 -11.41 -6.32
CA GLN A 159 5.13 -11.94 -7.66
C GLN A 159 3.70 -12.34 -7.95
N ASN A 160 2.86 -12.61 -6.94
CA ASN A 160 1.51 -13.09 -7.15
C ASN A 160 0.46 -11.97 -7.12
N LEU A 161 0.89 -10.75 -7.21
CA LEU A 161 0.02 -9.58 -7.27
C LEU A 161 0.29 -8.68 -8.48
N THR A 162 -0.77 -8.02 -8.97
CA THR A 162 -0.59 -6.90 -9.86
C THR A 162 -0.60 -5.57 -9.09
N HIS A 163 -1.30 -5.55 -7.97
CA HIS A 163 -1.48 -4.29 -7.25
C HIS A 163 -1.22 -4.50 -5.75
N LEU A 164 -0.37 -3.67 -5.20
CA LEU A 164 -0.10 -3.71 -3.75
C LEU A 164 -0.52 -2.35 -3.20
N LEU A 165 -1.50 -2.36 -2.29
CA LEU A 165 -2.00 -1.11 -1.73
C LEU A 165 -1.52 -0.92 -0.30
N TYR A 166 -1.03 0.28 0.00
CA TYR A 166 -0.46 0.57 1.33
C TYR A 166 -1.49 1.36 2.18
N GLY A 167 -2.06 0.68 3.18
CA GLY A 167 -3.05 1.31 4.12
C GLY A 167 -2.31 1.65 5.41
N PHE A 168 -2.33 2.92 5.84
CA PHE A 168 -3.01 3.97 5.12
C PHE A 168 -2.24 5.28 5.28
N ILE A 169 -2.33 6.16 4.30
CA ILE A 169 -1.78 7.51 4.35
C ILE A 169 -2.88 8.43 4.90
N PRO A 170 -2.57 9.20 5.93
CA PRO A 170 -3.57 10.06 6.57
C PRO A 170 -3.52 11.45 5.92
N ILE A 171 -4.68 12.09 6.23
CA ILE A 171 -4.89 13.51 5.94
C ILE A 171 -4.78 14.29 7.24
N CYS A 172 -3.89 15.27 7.32
CA CYS A 172 -3.69 16.06 8.52
C CYS A 172 -4.97 16.78 8.99
N GLY A 173 -5.13 16.76 10.31
CA GLY A 173 -6.26 17.53 10.87
C GLY A 173 -6.41 17.09 12.33
N GLY A 174 -6.68 18.09 13.21
CA GLY A 174 -6.94 17.76 14.60
C GLY A 174 -8.43 17.70 14.91
N ASN A 175 -8.78 18.48 15.96
CA ASN A 175 -10.17 18.36 16.45
C ASN A 175 -11.20 18.68 15.36
N GLY A 176 -12.18 17.81 15.26
CA GLY A 176 -13.30 17.93 14.35
C GLY A 176 -12.95 17.43 12.94
N ILE A 177 -11.68 17.09 12.75
CA ILE A 177 -11.22 16.68 11.41
C ILE A 177 -10.84 15.21 11.36
N ASN A 178 -10.19 14.68 12.42
CA ASN A 178 -9.90 13.24 12.50
C ASN A 178 -10.39 12.68 13.83
N ASP A 179 -11.55 13.13 14.31
CA ASP A 179 -12.02 12.64 15.63
C ASP A 179 -12.14 11.12 15.66
N SER A 180 -12.44 10.49 14.53
CA SER A 180 -12.52 9.01 14.50
C SER A 180 -11.22 8.37 14.92
N LEU A 181 -10.06 9.02 14.92
CA LEU A 181 -8.83 8.38 15.37
C LEU A 181 -8.74 8.25 16.88
N LYS A 182 -9.51 9.12 17.56
CA LYS A 182 -9.39 9.21 19.01
C LYS A 182 -9.83 7.89 19.66
N GLU A 183 -10.57 7.10 18.90
CA GLU A 183 -11.07 5.82 19.41
C GLU A 183 -9.96 4.76 19.42
N ILE A 184 -8.82 5.10 18.84
CA ILE A 184 -7.64 4.23 18.88
C ILE A 184 -6.54 4.90 19.69
N GLU A 185 -6.11 4.19 20.74
CA GLU A 185 -5.19 4.70 21.73
C GLU A 185 -3.95 5.36 21.15
N GLY A 186 -3.69 6.64 21.39
CA GLY A 186 -2.49 7.31 21.00
C GLY A 186 -2.44 7.70 19.51
N SER A 187 -3.44 7.24 18.75
CA SER A 187 -3.42 7.37 17.31
C SER A 187 -3.60 8.81 16.82
N PHE A 188 -4.62 9.47 17.39
CA PHE A 188 -4.90 10.87 17.04
C PHE A 188 -3.71 11.75 17.35
N GLN A 189 -3.14 11.49 18.55
CA GLN A 189 -1.96 12.22 18.99
C GLN A 189 -0.86 12.06 17.95
N ALA A 190 -0.50 10.81 17.67
CA ALA A 190 0.55 10.53 16.70
C ALA A 190 0.36 11.33 15.41
N LEU A 191 -0.88 11.35 14.91
CA LEU A 191 -1.05 12.16 13.68
C LEU A 191 -0.75 13.62 13.96
N GLN A 192 -1.13 14.10 15.17
CA GLN A 192 -0.89 15.55 15.37
C GLN A 192 0.59 15.86 15.42
N ARG A 193 1.37 14.90 15.92
CA ARG A 193 2.81 15.09 15.97
C ARG A 193 3.37 15.07 14.55
N SER A 194 2.94 14.06 13.79
CA SER A 194 3.43 14.02 12.38
C SER A 194 3.11 15.31 11.67
N CYS A 195 1.91 15.85 11.88
CA CYS A 195 1.39 17.00 11.14
C CYS A 195 1.77 18.34 11.75
N GLN A 196 2.71 18.35 12.69
CA GLN A 196 3.01 19.61 13.38
C GLN A 196 3.59 20.63 12.39
N GLY A 197 2.98 21.81 12.39
CA GLY A 197 3.35 22.88 11.47
C GLY A 197 2.89 22.64 10.04
N ARG A 198 2.06 21.63 9.81
CA ARG A 198 1.58 21.27 8.47
C ARG A 198 0.09 21.59 8.37
N GLU A 199 -0.32 22.17 7.24
CA GLU A 199 -1.76 22.50 7.11
C GLU A 199 -2.67 21.31 7.24
N ASP A 200 -3.90 21.51 7.78
CA ASP A 200 -4.86 20.41 7.69
C ASP A 200 -5.34 20.32 6.24
N PHE A 201 -5.72 19.12 5.88
CA PHE A 201 -6.14 18.62 4.60
C PHE A 201 -4.98 18.28 3.67
N LYS A 202 -3.72 18.42 4.12
CA LYS A 202 -2.57 17.86 3.38
C LYS A 202 -2.26 16.44 3.87
N VAL A 203 -1.73 15.54 3.03
CA VAL A 203 -1.43 14.20 3.47
C VAL A 203 -0.09 14.23 4.25
N SER A 204 0.03 13.22 5.10
CA SER A 204 1.27 13.03 5.85
C SER A 204 1.58 11.53 5.88
N ILE A 205 2.44 11.10 6.82
CA ILE A 205 2.60 9.70 7.15
C ILE A 205 2.17 9.48 8.62
N HIS A 206 1.42 8.43 8.88
CA HIS A 206 0.88 8.30 10.25
C HIS A 206 1.95 7.83 11.20
N ASP A 207 2.71 6.81 10.81
CA ASP A 207 3.78 6.32 11.71
C ASP A 207 5.09 6.33 10.96
N PRO A 208 5.83 7.41 11.03
CA PRO A 208 7.07 7.62 10.31
C PRO A 208 8.14 6.59 10.71
N PHE A 209 7.99 6.12 11.96
CA PHE A 209 8.90 5.08 12.39
C PHE A 209 8.69 3.79 11.55
N ALA A 210 7.49 3.27 11.52
CA ALA A 210 7.16 2.09 10.74
C ALA A 210 7.42 2.34 9.24
N ALA A 211 7.00 3.52 8.78
CA ALA A 211 7.12 3.77 7.31
C ALA A 211 8.53 4.00 6.87
N LEU A 212 9.46 4.55 7.68
CA LEU A 212 10.71 5.01 7.17
C LEU A 212 11.96 4.67 8.00
N GLN A 213 11.75 4.31 9.25
CA GLN A 213 13.00 4.18 10.08
C GLN A 213 13.17 2.82 10.73
N LYS A 214 12.14 2.01 10.85
CA LYS A 214 12.34 0.68 11.44
C LYS A 214 13.33 -0.07 10.58
N ALA A 215 14.35 -0.69 11.18
CA ALA A 215 15.20 -1.67 10.50
C ALA A 215 14.40 -2.79 9.84
N GLN A 216 14.65 -3.03 8.55
CA GLN A 216 14.00 -4.16 7.90
C GLN A 216 14.97 -4.82 6.91
N LYS A 217 14.61 -6.05 6.57
CA LYS A 217 15.52 -6.78 5.65
C LYS A 217 15.84 -5.94 4.43
N GLY A 218 17.15 -5.82 4.17
CA GLY A 218 17.65 -5.14 3.00
C GLY A 218 17.89 -3.66 3.27
N VAL A 219 17.29 -3.17 4.35
CA VAL A 219 17.55 -1.76 4.72
C VAL A 219 17.87 -1.70 6.21
N THR A 220 19.05 -2.26 6.56
CA THR A 220 19.39 -2.25 7.98
C THR A 220 20.60 -1.40 8.31
N ALA A 221 21.37 -0.97 7.33
CA ALA A 221 22.56 -0.18 7.66
C ALA A 221 22.15 1.17 8.19
N TRP A 222 22.81 1.72 9.22
CA TRP A 222 22.47 3.00 9.86
C TRP A 222 22.32 4.14 8.88
N ASP A 223 23.17 4.16 7.85
CA ASP A 223 23.09 5.24 6.89
C ASP A 223 22.33 4.86 5.62
N ASP A 224 21.55 3.79 5.63
CA ASP A 224 20.59 3.60 4.52
C ASP A 224 19.49 4.66 4.72
N PRO A 225 19.32 5.59 3.83
CA PRO A 225 18.43 6.73 3.98
C PRO A 225 16.98 6.32 4.14
N TYR A 226 16.52 5.32 3.40
CA TYR A 226 15.12 4.92 3.54
C TYR A 226 15.01 3.51 4.10
N LYS A 227 14.47 3.35 5.30
CA LYS A 227 14.24 2.02 5.89
C LYS A 227 12.76 1.71 6.01
N GLY A 228 12.32 0.92 6.98
CA GLY A 228 10.90 0.68 7.23
C GLY A 228 10.16 0.20 5.98
N ASN A 229 8.86 0.42 5.95
CA ASN A 229 8.03 -0.06 4.83
C ASN A 229 8.45 0.60 3.53
N PHE A 230 8.64 1.92 3.49
CA PHE A 230 8.94 2.64 2.26
C PHE A 230 10.26 2.18 1.65
N GLY A 231 11.30 1.96 2.47
CA GLY A 231 12.60 1.53 1.90
C GLY A 231 12.43 0.10 1.33
N GLN A 232 11.73 -0.76 2.00
CA GLN A 232 11.50 -2.12 1.46
C GLN A 232 10.66 -2.06 0.19
N LEU A 233 9.63 -1.20 0.14
CA LEU A 233 8.75 -1.14 -1.03
C LEU A 233 9.52 -0.60 -2.22
N MET A 234 10.47 0.31 -1.99
CA MET A 234 11.34 0.78 -3.05
C MET A 234 12.17 -0.40 -3.61
N ALA A 235 12.69 -1.20 -2.72
CA ALA A 235 13.52 -2.35 -3.19
C ALA A 235 12.63 -3.39 -3.84
N LEU A 236 11.37 -3.50 -3.40
CA LEU A 236 10.41 -4.40 -4.03
C LEU A 236 10.10 -3.90 -5.45
N LYS A 237 10.00 -2.61 -5.65
CA LYS A 237 9.79 -2.05 -7.00
C LYS A 237 10.97 -2.40 -7.90
N GLN A 238 12.17 -2.46 -7.34
CA GLN A 238 13.32 -2.83 -8.16
C GLN A 238 13.22 -4.28 -8.60
N ALA A 239 12.63 -5.12 -7.78
CA ALA A 239 12.48 -6.54 -8.09
C ALA A 239 11.28 -6.77 -8.99
N HIS A 240 10.27 -5.92 -8.85
CA HIS A 240 9.00 -6.06 -9.56
C HIS A 240 8.55 -4.78 -10.19
N PRO A 241 9.15 -4.45 -11.34
CA PRO A 241 9.06 -3.14 -11.92
C PRO A 241 7.64 -2.85 -12.41
N ASP A 242 6.90 -3.92 -12.64
CA ASP A 242 5.53 -3.76 -13.14
C ASP A 242 4.47 -3.86 -12.07
N LEU A 243 4.86 -4.15 -10.83
CA LEU A 243 3.86 -4.17 -9.74
C LEU A 243 3.38 -2.74 -9.51
N LYS A 244 2.07 -2.48 -9.38
CA LYS A 244 1.61 -1.13 -9.09
C LYS A 244 1.56 -0.98 -7.56
N ILE A 245 2.37 -0.08 -7.00
CA ILE A 245 2.23 0.09 -5.55
C ILE A 245 1.45 1.38 -5.32
N LEU A 246 0.27 1.30 -4.73
CA LEU A 246 -0.54 2.51 -4.52
C LEU A 246 -0.67 2.83 -3.03
N PRO A 247 -0.45 4.10 -2.71
CA PRO A 247 -0.79 4.60 -1.38
C PRO A 247 -2.31 4.65 -1.25
N SER A 248 -2.87 4.14 -0.15
CA SER A 248 -4.32 4.25 0.06
C SER A 248 -4.58 5.30 1.15
N ILE A 249 -5.42 6.25 0.80
CA ILE A 249 -5.72 7.38 1.70
C ILE A 249 -7.09 7.14 2.34
N GLY A 250 -7.13 7.03 3.66
CA GLY A 250 -8.44 6.86 4.34
C GLY A 250 -8.54 5.54 5.09
N GLY A 251 -9.61 4.80 4.83
CA GLY A 251 -9.92 3.62 5.62
C GLY A 251 -10.92 4.00 6.74
N TRP A 252 -11.18 3.06 7.64
CA TRP A 252 -12.28 3.28 8.58
C TRP A 252 -12.00 4.47 9.49
N THR A 253 -10.81 4.73 9.95
CA THR A 253 -10.55 5.71 10.99
C THR A 253 -9.90 6.99 10.46
N LEU A 254 -9.54 7.04 9.18
CA LEU A 254 -8.85 8.21 8.65
C LEU A 254 -9.63 8.87 7.52
N SER A 255 -10.93 8.58 7.42
CA SER A 255 -11.84 9.09 6.40
C SER A 255 -12.53 10.41 6.77
N ASP A 256 -12.53 10.85 8.03
CA ASP A 256 -13.28 12.05 8.38
C ASP A 256 -12.94 13.25 7.50
N PRO A 257 -11.73 13.51 7.14
CA PRO A 257 -11.37 14.68 6.37
C PRO A 257 -12.12 14.73 5.05
N PHE A 258 -12.42 13.58 4.44
CA PHE A 258 -13.07 13.65 3.13
C PHE A 258 -14.42 14.41 3.21
N PHE A 259 -15.10 14.30 4.33
CA PHE A 259 -16.41 14.92 4.53
C PHE A 259 -16.32 16.43 4.49
N PHE A 260 -15.14 17.00 4.51
CA PHE A 260 -15.02 18.48 4.45
C PHE A 260 -14.72 18.95 3.04
N MET A 261 -14.48 18.05 2.09
CA MET A 261 -13.89 18.42 0.80
C MET A 261 -14.90 18.95 -0.22
N GLY A 262 -16.11 19.18 0.26
CA GLY A 262 -17.05 20.02 -0.55
C GLY A 262 -16.52 21.45 -0.65
N ASP A 263 -15.72 21.89 0.31
CA ASP A 263 -14.99 23.16 0.23
C ASP A 263 -13.81 23.01 -0.74
N LYS A 264 -13.92 23.57 -1.95
CA LYS A 264 -12.83 23.39 -2.91
C LYS A 264 -11.48 23.96 -2.45
N VAL A 265 -11.49 24.92 -1.51
CA VAL A 265 -10.21 25.36 -0.98
C VAL A 265 -9.48 24.14 -0.37
N LYS A 266 -10.25 23.37 0.41
CA LYS A 266 -9.62 22.23 1.12
C LYS A 266 -9.32 21.12 0.09
N ARG A 267 -10.24 20.91 -0.85
CA ARG A 267 -10.05 19.80 -1.80
C ARG A 267 -8.80 20.06 -2.63
N ASP A 268 -8.58 21.34 -3.02
CA ASP A 268 -7.44 21.66 -3.85
C ASP A 268 -6.13 21.50 -3.05
N ARG A 269 -6.23 21.81 -1.76
CA ARG A 269 -4.99 21.69 -0.96
C ARG A 269 -4.67 20.19 -0.87
N PHE A 270 -5.67 19.35 -0.65
CA PHE A 270 -5.49 17.91 -0.61
C PHE A 270 -4.88 17.37 -1.89
N VAL A 271 -5.54 17.70 -2.99
CA VAL A 271 -5.03 17.18 -4.29
C VAL A 271 -3.60 17.56 -4.53
N GLY A 272 -3.24 18.83 -4.33
CA GLY A 272 -1.88 19.31 -4.42
C GLY A 272 -0.91 18.59 -3.49
N SER A 273 -1.36 18.29 -2.26
CA SER A 273 -0.49 17.49 -1.38
C SER A 273 -0.25 16.08 -1.85
N VAL A 274 -1.20 15.53 -2.60
CA VAL A 274 -1.05 14.16 -3.12
C VAL A 274 -0.02 14.16 -4.24
N LYS A 275 -0.06 15.24 -4.99
CA LYS A 275 0.89 15.42 -6.09
C LYS A 275 2.32 15.50 -5.53
N GLU A 276 2.43 16.30 -4.50
CA GLU A 276 3.71 16.51 -3.79
C GLU A 276 4.19 15.19 -3.22
N PHE A 277 3.26 14.40 -2.66
CA PHE A 277 3.62 13.11 -2.05
C PHE A 277 4.12 12.15 -3.11
N LEU A 278 3.49 12.13 -4.29
CA LEU A 278 3.98 11.23 -5.35
C LEU A 278 5.27 11.73 -5.99
N GLN A 279 5.53 13.02 -6.01
CA GLN A 279 6.82 13.55 -6.46
C GLN A 279 7.93 13.27 -5.45
N THR A 280 7.56 13.18 -4.19
CA THR A 280 8.49 12.86 -3.12
C THR A 280 8.80 11.37 -3.04
N TRP A 281 7.81 10.51 -3.13
CA TRP A 281 7.96 9.06 -2.97
C TRP A 281 7.70 8.44 -4.35
N LYS A 282 8.77 8.29 -5.13
CA LYS A 282 8.58 7.96 -6.55
C LYS A 282 8.28 6.50 -6.75
N PHE A 283 8.42 5.65 -5.73
CA PHE A 283 8.06 4.27 -5.88
C PHE A 283 6.55 4.06 -5.97
N PHE A 284 5.74 5.05 -5.58
CA PHE A 284 4.28 4.89 -5.65
C PHE A 284 3.79 5.21 -7.08
N ASP A 285 2.75 4.48 -7.50
CA ASP A 285 2.27 4.53 -8.88
C ASP A 285 0.87 5.13 -9.05
N GLY A 286 0.43 5.94 -8.11
CA GLY A 286 -0.92 6.57 -8.25
C GLY A 286 -1.49 6.76 -6.84
N VAL A 287 -2.81 6.76 -6.73
CA VAL A 287 -3.40 6.90 -5.37
C VAL A 287 -4.67 6.12 -5.32
N ASP A 288 -4.95 5.50 -4.15
CA ASP A 288 -6.20 4.83 -3.89
C ASP A 288 -6.98 5.67 -2.84
N ILE A 289 -8.21 6.00 -3.18
CA ILE A 289 -9.06 6.70 -2.22
C ILE A 289 -10.02 5.74 -1.55
N ASP A 290 -9.89 5.61 -0.24
CA ASP A 290 -10.73 4.72 0.55
C ASP A 290 -11.53 5.60 1.53
N TRP A 291 -12.53 6.25 0.95
CA TRP A 291 -13.42 7.12 1.78
C TRP A 291 -14.57 6.25 2.28
N GLU A 292 -14.60 6.05 3.60
CA GLU A 292 -15.69 5.28 4.19
C GLU A 292 -16.57 6.20 5.07
N PHE A 293 -17.71 6.60 4.54
CA PHE A 293 -18.13 6.49 3.14
C PHE A 293 -18.91 7.75 2.74
N PRO A 294 -19.00 8.12 1.47
CA PRO A 294 -19.81 9.26 1.08
C PRO A 294 -21.24 9.08 1.60
N GLY A 295 -21.78 10.10 2.28
CA GLY A 295 -23.12 9.97 2.84
C GLY A 295 -23.07 9.59 4.32
N GLY A 296 -21.94 9.15 4.85
CA GLY A 296 -21.86 8.82 6.27
C GLY A 296 -22.07 7.34 6.53
N LYS A 297 -22.39 7.02 7.79
CA LYS A 297 -22.47 5.63 8.22
C LYS A 297 -21.08 4.98 8.25
N GLY A 298 -20.05 5.82 8.37
CA GLY A 298 -18.69 5.37 8.62
C GLY A 298 -18.42 5.45 10.11
N ALA A 299 -17.20 5.61 10.53
CA ALA A 299 -16.88 5.56 11.94
C ALA A 299 -17.49 6.72 12.74
N ASN A 300 -17.63 7.87 12.10
CA ASN A 300 -18.06 9.09 12.82
C ASN A 300 -19.53 9.28 12.56
N PRO A 301 -20.33 9.25 13.62
CA PRO A 301 -21.78 9.29 13.51
C PRO A 301 -22.34 10.67 13.22
N ASN A 302 -21.47 11.68 13.32
CA ASN A 302 -21.81 13.07 13.07
C ASN A 302 -21.39 13.54 11.69
N LEU A 303 -20.77 12.69 10.86
CA LEU A 303 -20.46 13.14 9.50
C LEU A 303 -21.30 12.42 8.47
N GLY A 304 -21.45 13.11 7.36
CA GLY A 304 -22.13 12.59 6.18
C GLY A 304 -23.16 13.62 5.72
N SER A 305 -23.19 13.79 4.40
CA SER A 305 -24.03 14.85 3.84
C SER A 305 -24.48 14.42 2.48
N PRO A 306 -25.64 14.88 2.02
CA PRO A 306 -26.17 14.60 0.71
C PRO A 306 -25.29 15.11 -0.42
N GLN A 307 -24.34 15.99 -0.06
CA GLN A 307 -23.40 16.60 -0.97
C GLN A 307 -22.20 15.69 -1.25
N ASP A 308 -22.19 14.60 -0.47
CA ASP A 308 -20.92 13.82 -0.56
C ASP A 308 -20.71 13.16 -1.90
N GLY A 309 -21.78 12.72 -2.57
CA GLY A 309 -21.70 12.21 -3.92
C GLY A 309 -20.99 13.03 -4.96
N GLU A 310 -21.44 14.31 -4.98
CA GLU A 310 -20.89 15.32 -5.84
C GLU A 310 -19.40 15.55 -5.49
N THR A 311 -19.08 15.62 -4.21
CA THR A 311 -17.72 15.89 -3.75
C THR A 311 -16.83 14.71 -4.20
N TYR A 312 -17.35 13.49 -4.17
CA TYR A 312 -16.60 12.29 -4.58
C TYR A 312 -16.28 12.37 -6.07
N VAL A 313 -17.27 12.73 -6.90
CA VAL A 313 -16.99 12.80 -8.33
C VAL A 313 -16.02 13.92 -8.66
N LEU A 314 -16.16 15.05 -7.98
CA LEU A 314 -15.26 16.19 -8.26
C LEU A 314 -13.83 15.77 -7.91
N LEU A 315 -13.69 15.18 -6.71
CA LEU A 315 -12.40 14.75 -6.19
C LEU A 315 -11.69 13.80 -7.14
N MET A 316 -12.40 12.80 -7.65
CA MET A 316 -11.84 11.87 -8.64
C MET A 316 -11.44 12.62 -9.92
N LYS A 317 -12.33 13.45 -10.48
CA LYS A 317 -11.90 14.21 -11.66
C LYS A 317 -10.65 15.03 -11.44
N GLU A 318 -10.53 15.69 -10.29
CA GLU A 318 -9.39 16.55 -10.03
C GLU A 318 -8.14 15.72 -9.72
N LEU A 319 -8.31 14.58 -9.03
CA LEU A 319 -7.15 13.70 -8.84
C LEU A 319 -6.66 13.21 -10.21
N ARG A 320 -7.63 12.79 -11.03
CA ARG A 320 -7.23 12.31 -12.37
C ARG A 320 -6.48 13.35 -13.15
N ALA A 321 -6.93 14.61 -13.12
CA ALA A 321 -6.32 15.70 -13.84
C ALA A 321 -4.89 15.91 -13.32
N MET A 322 -4.70 15.86 -11.98
CA MET A 322 -3.35 15.97 -11.42
C MET A 322 -2.47 14.78 -11.77
N LEU A 323 -2.99 13.57 -11.79
CA LEU A 323 -2.21 12.40 -12.14
C LEU A 323 -1.90 12.41 -13.65
N ASP A 324 -2.84 12.93 -14.45
CA ASP A 324 -2.50 12.98 -15.90
C ASP A 324 -1.36 13.93 -16.13
N GLN A 325 -1.33 15.06 -15.41
CA GLN A 325 -0.23 16.00 -15.50
C GLN A 325 1.09 15.39 -15.01
N LEU A 326 1.06 14.72 -13.84
CA LEU A 326 2.25 14.03 -13.35
C LEU A 326 2.73 13.02 -14.39
N SER A 327 1.76 12.32 -15.00
CA SER A 327 2.09 11.22 -15.91
C SER A 327 2.89 11.78 -17.11
N VAL A 328 2.47 12.93 -17.65
CA VAL A 328 3.20 13.42 -18.84
C VAL A 328 4.46 14.13 -18.42
N GLU A 329 4.55 14.59 -17.15
CA GLU A 329 5.80 15.21 -16.71
C GLU A 329 6.83 14.08 -16.59
N THR A 330 6.37 12.86 -16.28
CA THR A 330 7.34 11.81 -15.93
C THR A 330 7.49 10.74 -16.98
N GLY A 331 6.58 10.63 -17.97
CA GLY A 331 6.54 9.45 -18.83
C GLY A 331 5.90 8.22 -18.20
N ARG A 332 5.40 8.32 -16.97
CA ARG A 332 4.83 7.17 -16.29
C ARG A 332 3.32 7.11 -16.37
N LYS A 333 2.74 5.92 -16.25
CA LYS A 333 1.31 5.77 -16.13
C LYS A 333 1.00 5.76 -14.61
N TYR A 334 0.11 6.64 -14.24
CA TYR A 334 -0.34 6.66 -12.84
C TYR A 334 -1.78 6.21 -12.75
N GLU A 335 -2.14 5.52 -11.67
CA GLU A 335 -3.48 4.93 -11.58
C GLU A 335 -4.25 5.61 -10.47
N LEU A 336 -5.56 5.73 -10.66
CA LEU A 336 -6.48 6.23 -9.66
C LEU A 336 -7.55 5.23 -9.35
N THR A 337 -7.57 4.76 -8.11
CA THR A 337 -8.50 3.74 -7.65
C THR A 337 -9.24 4.22 -6.40
N SER A 338 -10.27 3.43 -6.10
CA SER A 338 -11.04 3.73 -4.90
C SER A 338 -11.58 2.43 -4.34
N ALA A 339 -11.50 2.28 -3.02
CA ALA A 339 -12.18 1.20 -2.31
C ALA A 339 -13.55 1.72 -1.84
N ILE A 340 -14.59 0.98 -2.20
CA ILE A 340 -15.94 1.52 -1.95
C ILE A 340 -16.78 0.50 -1.19
N SER A 341 -17.82 1.00 -0.48
CA SER A 341 -18.79 0.07 0.08
C SER A 341 -19.47 -0.73 -1.05
N ALA A 342 -19.76 -2.00 -0.75
CA ALA A 342 -20.53 -2.87 -1.61
C ALA A 342 -22.02 -2.88 -1.26
N GLY A 343 -22.44 -2.17 -0.21
CA GLY A 343 -23.86 -2.07 0.14
C GLY A 343 -24.62 -1.17 -0.84
N LYS A 344 -25.79 -1.62 -1.34
CA LYS A 344 -26.42 -0.80 -2.39
C LYS A 344 -26.89 0.57 -1.88
N ASP A 345 -27.15 0.62 -0.58
CA ASP A 345 -27.61 1.84 0.05
C ASP A 345 -26.49 2.88 0.05
N LYS A 346 -25.25 2.38 0.09
CA LYS A 346 -24.13 3.33 0.04
C LYS A 346 -23.70 3.58 -1.37
N ILE A 347 -23.79 2.61 -2.27
CA ILE A 347 -23.36 2.73 -3.66
C ILE A 347 -24.11 3.89 -4.37
N ASP A 348 -25.44 3.79 -4.16
CA ASP A 348 -26.27 4.78 -4.89
C ASP A 348 -26.19 6.18 -4.28
N LYS A 349 -25.26 6.44 -3.37
CA LYS A 349 -25.03 7.80 -2.91
C LYS A 349 -24.03 8.47 -3.84
N VAL A 350 -23.48 7.68 -4.76
CA VAL A 350 -22.48 8.20 -5.69
C VAL A 350 -22.84 7.85 -7.11
N ALA A 351 -22.56 8.77 -8.02
CA ALA A 351 -22.70 8.46 -9.45
C ALA A 351 -21.43 7.82 -10.00
N TYR A 352 -21.21 6.54 -9.70
CA TYR A 352 -20.01 5.85 -10.21
C TYR A 352 -19.99 5.76 -11.71
N ASN A 353 -21.18 5.80 -12.34
CA ASN A 353 -21.14 5.78 -13.81
C ASN A 353 -20.44 7.02 -14.35
N VAL A 354 -20.42 8.11 -13.57
CA VAL A 354 -19.72 9.32 -13.94
C VAL A 354 -18.27 9.27 -13.45
N ALA A 355 -18.13 8.90 -12.17
CA ALA A 355 -16.74 8.87 -11.62
C ALA A 355 -15.85 7.86 -12.28
N GLN A 356 -16.40 6.74 -12.79
CA GLN A 356 -15.57 5.74 -13.46
C GLN A 356 -14.72 6.31 -14.57
N ASN A 357 -15.15 7.41 -15.21
CA ASN A 357 -14.36 7.96 -16.30
C ASN A 357 -13.01 8.49 -15.80
N SER A 358 -12.91 8.72 -14.50
CA SER A 358 -11.63 9.21 -13.95
C SER A 358 -10.80 8.07 -13.36
N MET A 359 -11.36 6.87 -13.26
CA MET A 359 -10.77 5.87 -12.34
C MET A 359 -10.27 4.67 -13.13
N ASP A 360 -9.12 4.14 -12.76
CA ASP A 360 -8.64 2.91 -13.38
C ASP A 360 -9.38 1.69 -12.83
N HIS A 361 -9.61 1.64 -11.52
CA HIS A 361 -10.22 0.48 -10.92
C HIS A 361 -11.08 0.86 -9.73
N ILE A 362 -12.19 0.17 -9.56
CA ILE A 362 -13.04 0.31 -8.38
C ILE A 362 -12.89 -0.95 -7.52
N PHE A 363 -12.35 -0.79 -6.31
CA PHE A 363 -12.17 -1.94 -5.41
C PHE A 363 -13.42 -2.08 -4.57
N LEU A 364 -14.28 -3.02 -5.04
CA LEU A 364 -15.56 -3.23 -4.38
C LEU A 364 -15.38 -4.00 -3.08
N MET A 365 -15.65 -3.36 -1.95
CA MET A 365 -15.40 -3.99 -0.67
C MET A 365 -16.56 -4.98 -0.40
N SER A 366 -16.51 -6.06 -1.15
CA SER A 366 -17.53 -7.11 -0.96
C SER A 366 -17.22 -8.04 0.18
N PHE A 367 -17.18 -7.50 1.37
CA PHE A 367 -16.96 -8.13 2.65
C PHE A 367 -17.59 -7.28 3.76
N ASP A 368 -17.56 -7.73 5.00
CA ASP A 368 -18.20 -7.07 6.14
C ASP A 368 -19.70 -6.92 5.98
N PHE A 369 -20.32 -7.90 5.31
CA PHE A 369 -21.76 -7.78 5.04
C PHE A 369 -22.52 -8.00 6.34
N TYR A 370 -21.91 -8.79 7.18
CA TYR A 370 -22.42 -9.21 8.46
C TYR A 370 -21.25 -9.37 9.42
N GLY A 371 -21.48 -9.31 10.71
CA GLY A 371 -20.42 -9.43 11.70
C GLY A 371 -20.87 -9.05 13.12
N ALA A 372 -19.93 -9.01 14.04
CA ALA A 372 -20.27 -8.87 15.46
C ALA A 372 -20.78 -7.45 15.77
N PHE A 373 -20.79 -6.60 14.75
CA PHE A 373 -21.45 -5.29 14.93
C PHE A 373 -22.96 -5.41 14.96
N ASP A 374 -23.52 -6.55 14.56
CA ASP A 374 -24.96 -6.79 14.60
C ASP A 374 -25.21 -8.19 15.17
N LEU A 375 -25.69 -8.25 16.40
CA LEU A 375 -25.69 -9.51 17.15
C LEU A 375 -26.97 -10.27 16.88
N LYS A 376 -27.86 -9.65 16.10
CA LYS A 376 -29.21 -10.18 15.93
C LYS A 376 -29.47 -10.70 14.53
N ASN A 377 -28.84 -10.11 13.51
CA ASN A 377 -29.19 -10.46 12.13
C ASN A 377 -27.92 -11.06 11.48
N LEU A 378 -27.77 -12.38 11.62
CA LEU A 378 -26.48 -13.01 11.23
C LEU A 378 -26.52 -13.42 9.77
N GLY A 379 -25.32 -13.56 9.15
CA GLY A 379 -25.31 -13.93 7.73
C GLY A 379 -23.86 -14.08 7.25
N HIS A 380 -23.68 -14.53 6.03
CA HIS A 380 -22.31 -14.65 5.49
C HIS A 380 -21.73 -13.26 5.23
N GLN A 381 -20.53 -13.00 5.69
CA GLN A 381 -19.96 -11.66 5.57
C GLN A 381 -19.39 -11.36 4.19
N THR A 382 -19.15 -12.33 3.32
CA THR A 382 -18.41 -12.04 2.07
C THR A 382 -18.89 -12.89 0.93
N ALA A 383 -20.15 -13.35 1.07
CA ALA A 383 -20.68 -14.31 0.11
C ALA A 383 -20.86 -13.74 -1.29
N LEU A 384 -20.84 -14.64 -2.28
CA LEU A 384 -21.16 -14.21 -3.64
C LEU A 384 -22.66 -13.94 -3.72
N ASN A 385 -23.42 -14.91 -3.18
CA ASN A 385 -24.86 -14.98 -3.36
C ASN A 385 -25.59 -15.00 -2.04
N ALA A 386 -26.91 -14.80 -2.10
CA ALA A 386 -27.76 -15.07 -0.94
C ALA A 386 -27.80 -16.58 -0.68
N PRO A 387 -27.99 -16.93 0.56
CA PRO A 387 -28.14 -18.29 1.04
C PRO A 387 -29.56 -18.80 0.76
N ALA A 388 -29.71 -20.12 0.79
CA ALA A 388 -31.03 -20.71 0.53
C ALA A 388 -32.07 -20.26 1.53
N TRP A 389 -31.71 -20.07 2.80
CA TRP A 389 -32.70 -19.73 3.81
C TRP A 389 -33.13 -18.27 3.75
N LYS A 390 -32.46 -17.43 2.95
CA LYS A 390 -32.86 -16.02 2.85
C LYS A 390 -32.49 -15.42 1.52
N PRO A 391 -33.17 -15.84 0.48
CA PRO A 391 -32.89 -15.49 -0.90
C PRO A 391 -33.08 -13.99 -1.16
N ASP A 392 -33.62 -13.27 -0.18
CA ASP A 392 -33.76 -11.83 -0.37
C ASP A 392 -32.72 -11.05 0.41
N THR A 393 -31.72 -11.74 0.94
CA THR A 393 -30.58 -11.09 1.59
C THR A 393 -30.07 -9.90 0.80
N ALA A 394 -29.94 -8.74 1.44
CA ALA A 394 -29.55 -7.50 0.79
C ALA A 394 -28.05 -7.45 0.46
N TYR A 395 -27.25 -7.89 1.43
CA TYR A 395 -25.80 -7.64 1.25
C TYR A 395 -25.14 -8.95 0.78
N THR A 396 -24.93 -8.97 -0.52
CA THR A 396 -24.13 -9.99 -1.16
C THR A 396 -23.17 -9.35 -2.17
N THR A 397 -22.16 -10.09 -2.64
CA THR A 397 -21.26 -9.52 -3.63
C THR A 397 -21.95 -9.14 -4.93
N VAL A 398 -22.78 -10.11 -5.38
CA VAL A 398 -23.52 -9.98 -6.64
C VAL A 398 -24.43 -8.75 -6.59
N ASN A 399 -25.10 -8.51 -5.47
CA ASN A 399 -25.91 -7.29 -5.35
C ASN A 399 -25.10 -5.99 -5.45
N GLY A 400 -23.89 -5.97 -4.90
CA GLY A 400 -23.07 -4.75 -4.99
C GLY A 400 -22.58 -4.60 -6.42
N VAL A 401 -22.18 -5.67 -7.10
CA VAL A 401 -21.78 -5.55 -8.49
C VAL A 401 -22.99 -5.06 -9.30
N ASN A 402 -24.14 -5.68 -9.01
CA ASN A 402 -25.30 -5.35 -9.88
C ASN A 402 -25.73 -3.89 -9.69
N ALA A 403 -25.65 -3.37 -8.47
CA ALA A 403 -25.92 -1.95 -8.24
C ALA A 403 -25.00 -1.09 -9.08
N LEU A 404 -23.69 -1.41 -9.12
CA LEU A 404 -22.79 -0.67 -9.97
C LEU A 404 -23.19 -0.79 -11.44
N LEU A 405 -23.49 -2.04 -11.86
CA LEU A 405 -23.79 -2.22 -13.28
C LEU A 405 -25.08 -1.44 -13.61
N ALA A 406 -26.02 -1.44 -12.69
CA ALA A 406 -27.31 -0.76 -12.97
C ALA A 406 -27.15 0.75 -13.07
N GLN A 407 -26.15 1.33 -12.40
CA GLN A 407 -25.85 2.74 -12.65
C GLN A 407 -25.31 2.97 -14.05
N GLY A 408 -24.70 1.99 -14.72
CA GLY A 408 -23.93 2.21 -15.92
C GLY A 408 -22.42 2.05 -15.82
N VAL A 409 -21.94 1.53 -14.70
CA VAL A 409 -20.47 1.27 -14.58
C VAL A 409 -20.07 0.12 -15.49
N LYS A 410 -19.01 0.30 -16.25
CA LYS A 410 -18.44 -0.76 -17.09
C LYS A 410 -17.88 -1.88 -16.24
N PRO A 411 -18.19 -3.10 -16.59
CA PRO A 411 -17.81 -4.28 -15.83
C PRO A 411 -16.31 -4.34 -15.57
N GLY A 412 -15.51 -3.99 -16.57
CA GLY A 412 -14.07 -4.13 -16.48
C GLY A 412 -13.43 -3.22 -15.42
N LYS A 413 -14.19 -2.26 -14.93
CA LYS A 413 -13.68 -1.37 -13.88
C LYS A 413 -13.76 -2.01 -12.50
N ILE A 414 -14.63 -3.02 -12.37
CA ILE A 414 -15.04 -3.50 -11.05
C ILE A 414 -14.13 -4.63 -10.58
N VAL A 415 -13.39 -4.43 -9.50
CA VAL A 415 -12.57 -5.51 -8.90
C VAL A 415 -13.24 -6.00 -7.62
N VAL A 416 -13.48 -7.33 -7.63
CA VAL A 416 -14.24 -7.96 -6.56
C VAL A 416 -13.37 -8.26 -5.34
N GLY A 417 -13.91 -8.01 -4.17
CA GLY A 417 -13.21 -8.19 -2.92
C GLY A 417 -13.34 -9.60 -2.32
N THR A 418 -12.21 -10.09 -1.83
CA THR A 418 -12.10 -11.35 -1.11
C THR A 418 -11.51 -11.06 0.26
N ALA A 419 -11.99 -11.76 1.28
CA ALA A 419 -11.59 -11.51 2.65
C ALA A 419 -10.50 -12.49 3.07
N MET A 420 -9.38 -11.98 3.57
CA MET A 420 -8.41 -12.86 4.20
C MET A 420 -8.68 -12.95 5.70
N TYR A 421 -9.92 -12.73 6.14
CA TYR A 421 -10.25 -12.84 7.54
C TYR A 421 -11.69 -13.32 7.68
N GLY A 422 -12.03 -13.78 8.88
CA GLY A 422 -13.42 -14.13 9.12
C GLY A 422 -13.98 -13.07 10.11
N ARG A 423 -15.29 -12.95 10.07
CA ARG A 423 -15.93 -12.30 11.23
C ARG A 423 -16.71 -13.36 11.98
N GLY A 424 -17.02 -13.04 13.26
CA GLY A 424 -17.95 -14.03 13.86
C GLY A 424 -18.44 -13.60 15.24
N TRP A 425 -19.18 -14.56 15.79
CA TRP A 425 -19.92 -14.30 17.03
C TRP A 425 -19.68 -15.43 18.02
N THR A 426 -20.00 -15.16 19.29
CA THR A 426 -20.06 -16.27 20.25
C THR A 426 -21.47 -16.37 20.81
N GLY A 427 -21.76 -17.58 21.36
CA GLY A 427 -23.01 -17.66 22.13
C GLY A 427 -24.19 -17.75 21.17
N VAL A 428 -23.92 -18.14 19.92
CA VAL A 428 -25.01 -18.20 18.94
C VAL A 428 -26.05 -19.25 19.37
N ASN A 429 -27.33 -18.89 19.27
CA ASN A 429 -28.38 -19.72 19.87
C ASN A 429 -29.73 -19.42 19.24
N GLY A 430 -30.70 -20.33 19.36
CA GLY A 430 -32.03 -20.10 18.85
C GLY A 430 -32.20 -20.23 17.35
N TYR A 431 -31.44 -21.11 16.72
CA TYR A 431 -31.42 -21.27 15.27
C TYR A 431 -32.13 -22.55 14.84
N GLN A 432 -32.76 -22.60 13.68
CA GLN A 432 -33.46 -23.82 13.27
C GLN A 432 -32.72 -24.62 12.21
N ASN A 433 -33.15 -25.87 12.05
CA ASN A 433 -32.71 -26.72 10.96
C ASN A 433 -31.19 -26.76 10.74
N ASN A 434 -30.45 -26.72 11.83
CA ASN A 434 -29.01 -26.81 11.85
C ASN A 434 -28.31 -25.70 11.06
N ILE A 435 -29.04 -24.58 10.91
CA ILE A 435 -28.38 -23.45 10.25
C ILE A 435 -28.17 -22.31 11.23
N PRO A 436 -27.00 -22.21 11.81
CA PRO A 436 -26.70 -21.30 12.89
C PRO A 436 -27.00 -19.84 12.52
N PHE A 437 -26.92 -19.46 11.26
CA PHE A 437 -27.22 -18.11 10.82
C PHE A 437 -28.67 -17.68 11.05
N THR A 438 -29.49 -18.61 11.54
CA THR A 438 -30.89 -18.26 11.81
C THR A 438 -31.06 -17.87 13.27
N GLY A 439 -30.05 -18.04 14.12
CA GLY A 439 -30.13 -17.65 15.51
C GLY A 439 -29.85 -16.16 15.74
N THR A 440 -29.45 -15.86 16.97
CA THR A 440 -28.93 -14.56 17.36
C THR A 440 -27.71 -14.86 18.24
N ALA A 441 -26.83 -13.92 18.50
CA ALA A 441 -25.59 -14.11 19.24
C ALA A 441 -25.49 -13.32 20.53
N THR A 442 -24.57 -13.62 21.43
CA THR A 442 -24.41 -12.89 22.67
C THR A 442 -23.21 -11.95 22.67
N GLY A 443 -22.37 -11.99 21.64
CA GLY A 443 -21.19 -11.14 21.60
C GLY A 443 -20.30 -11.60 20.44
N PRO A 444 -19.13 -11.01 20.39
CA PRO A 444 -18.21 -11.22 19.28
C PRO A 444 -17.44 -12.50 19.50
N VAL A 445 -17.05 -13.20 18.43
CA VAL A 445 -16.01 -14.21 18.59
C VAL A 445 -14.68 -13.59 18.99
N LYS A 446 -13.91 -14.38 19.74
CA LYS A 446 -12.56 -14.01 20.12
C LYS A 446 -11.66 -13.92 18.90
N GLY A 447 -11.24 -12.68 18.62
CA GLY A 447 -10.43 -12.46 17.41
C GLY A 447 -8.95 -12.66 17.65
N THR A 448 -8.20 -12.69 16.55
CA THR A 448 -6.76 -12.77 16.55
C THR A 448 -6.07 -11.52 17.09
N TRP A 449 -6.51 -10.36 16.64
CA TRP A 449 -5.96 -9.07 17.05
C TRP A 449 -7.02 -8.21 17.71
N GLU A 450 -8.25 -8.36 17.24
CA GLU A 450 -9.39 -7.63 17.79
C GLU A 450 -10.67 -8.45 17.79
N ASN A 451 -11.50 -8.23 18.82
CA ASN A 451 -12.79 -8.87 18.94
C ASN A 451 -13.55 -9.06 17.64
N GLY A 452 -14.04 -10.27 17.34
CA GLY A 452 -15.04 -10.41 16.28
C GLY A 452 -14.43 -10.65 14.89
N ILE A 453 -13.11 -10.60 14.82
CA ILE A 453 -12.38 -10.78 13.56
C ILE A 453 -11.23 -11.76 13.77
N VAL A 454 -11.03 -12.67 12.81
CA VAL A 454 -10.03 -13.73 12.93
C VAL A 454 -9.22 -13.87 11.63
N ASP A 455 -7.91 -13.88 11.70
CA ASP A 455 -7.09 -14.01 10.49
C ASP A 455 -7.47 -15.33 9.80
N TYR A 456 -7.48 -15.37 8.49
CA TYR A 456 -7.73 -16.67 7.82
C TYR A 456 -6.67 -17.69 8.24
N ARG A 457 -5.45 -17.23 8.47
CA ARG A 457 -4.39 -18.18 8.85
C ARG A 457 -4.84 -18.95 10.10
N GLN A 458 -5.44 -18.20 11.02
CA GLN A 458 -5.87 -18.82 12.28
C GLN A 458 -7.11 -19.67 12.09
N ILE A 459 -8.02 -19.33 11.18
CA ILE A 459 -9.15 -20.16 10.88
C ILE A 459 -8.63 -21.53 10.37
N ALA A 460 -7.77 -21.47 9.36
CA ALA A 460 -7.19 -22.71 8.84
C ALA A 460 -6.36 -23.47 9.88
N GLY A 461 -5.56 -22.77 10.67
CA GLY A 461 -4.69 -23.40 11.65
C GLY A 461 -5.38 -23.89 12.91
N GLN A 462 -6.45 -23.29 13.37
CA GLN A 462 -7.06 -23.65 14.63
C GLN A 462 -8.52 -24.07 14.57
N PHE A 463 -9.28 -23.56 13.60
CA PHE A 463 -10.74 -23.71 13.73
C PHE A 463 -11.24 -24.66 12.64
N MET A 464 -10.31 -25.48 12.13
CA MET A 464 -10.70 -26.54 11.19
C MET A 464 -10.33 -27.90 11.78
N SER A 465 -10.47 -27.98 13.11
CA SER A 465 -10.26 -29.25 13.80
C SER A 465 -11.08 -29.27 15.08
N GLY A 466 -10.97 -30.38 15.82
CA GLY A 466 -11.69 -30.59 17.06
C GLY A 466 -13.21 -30.51 16.90
N GLU A 467 -13.85 -29.66 17.70
CA GLU A 467 -15.29 -29.62 17.80
C GLU A 467 -15.95 -28.81 16.70
N TRP A 468 -15.14 -28.04 15.96
CA TRP A 468 -15.68 -27.19 14.91
C TRP A 468 -16.30 -27.86 13.71
N GLN A 469 -17.56 -27.59 13.42
CA GLN A 469 -18.18 -28.02 12.18
C GLN A 469 -17.62 -27.16 11.03
N TYR A 470 -17.48 -27.70 9.83
CA TYR A 470 -17.11 -26.91 8.67
C TYR A 470 -18.18 -27.16 7.61
N THR A 471 -18.74 -26.11 7.02
CA THR A 471 -19.79 -26.28 6.03
C THR A 471 -19.50 -25.32 4.87
N TYR A 472 -19.57 -25.84 3.65
CA TYR A 472 -19.45 -24.95 2.51
C TYR A 472 -20.88 -24.75 1.98
N ASP A 473 -21.40 -23.51 2.11
CA ASP A 473 -22.72 -23.26 1.52
C ASP A 473 -22.62 -22.97 0.05
N ALA A 474 -23.13 -23.87 -0.79
CA ALA A 474 -22.87 -23.84 -2.22
C ALA A 474 -23.82 -22.89 -2.92
N THR A 475 -24.88 -22.49 -2.23
CA THR A 475 -25.83 -21.56 -2.85
C THR A 475 -25.21 -20.15 -2.77
N ALA A 476 -24.83 -19.79 -1.55
CA ALA A 476 -24.23 -18.46 -1.31
C ALA A 476 -22.79 -18.39 -1.82
N GLU A 477 -22.14 -19.54 -1.88
CA GLU A 477 -20.74 -19.71 -2.15
C GLU A 477 -19.91 -19.12 -1.00
N ALA A 478 -19.93 -19.82 0.11
CA ALA A 478 -19.42 -19.30 1.37
C ALA A 478 -19.22 -20.39 2.39
N PRO A 479 -18.06 -20.43 3.00
CA PRO A 479 -17.70 -21.37 4.03
C PRO A 479 -18.00 -20.82 5.41
N TYR A 480 -18.32 -21.68 6.36
CA TYR A 480 -18.38 -21.23 7.75
C TYR A 480 -18.05 -22.35 8.73
N VAL A 481 -17.50 -21.96 9.88
CA VAL A 481 -17.21 -22.94 10.93
C VAL A 481 -18.05 -22.62 12.17
N PHE A 482 -18.47 -23.68 12.84
CA PHE A 482 -19.40 -23.45 13.97
C PHE A 482 -19.00 -24.35 15.12
N LYS A 483 -18.81 -23.79 16.31
CA LYS A 483 -18.55 -24.67 17.47
C LYS A 483 -19.80 -24.68 18.34
N PRO A 484 -20.54 -25.77 18.29
CA PRO A 484 -21.84 -25.97 18.90
C PRO A 484 -21.86 -25.70 20.39
N SER A 485 -20.83 -26.07 21.12
CA SER A 485 -20.81 -25.96 22.58
C SER A 485 -20.56 -24.55 23.10
N THR A 486 -19.95 -23.69 22.29
CA THR A 486 -19.71 -22.30 22.67
C THR A 486 -20.43 -21.34 21.75
N GLY A 487 -21.22 -21.91 20.84
CA GLY A 487 -21.99 -21.14 19.87
C GLY A 487 -21.09 -20.15 19.11
N ASP A 488 -19.80 -20.45 19.04
CA ASP A 488 -18.91 -19.62 18.24
C ASP A 488 -19.13 -19.92 16.75
N LEU A 489 -19.33 -18.86 15.96
CA LEU A 489 -19.64 -18.97 14.55
C LEU A 489 -18.78 -18.02 13.71
N ILE A 490 -18.09 -18.55 12.71
CA ILE A 490 -17.17 -17.68 11.95
C ILE A 490 -17.48 -17.81 10.47
N THR A 491 -17.63 -16.68 9.79
CA THR A 491 -17.91 -16.63 8.36
C THR A 491 -16.74 -15.95 7.65
N PHE A 492 -16.19 -16.65 6.65
CA PHE A 492 -14.91 -16.24 6.05
C PHE A 492 -14.84 -16.60 4.57
N ASP A 493 -13.79 -16.27 3.81
CA ASP A 493 -13.65 -16.84 2.47
C ASP A 493 -12.64 -17.99 2.56
N ASP A 494 -12.82 -18.98 1.69
CA ASP A 494 -11.79 -20.05 1.63
C ASP A 494 -11.39 -20.24 0.18
N ALA A 495 -10.50 -21.20 -0.11
CA ALA A 495 -10.10 -21.36 -1.50
C ALA A 495 -11.30 -21.56 -2.45
N ARG A 496 -12.31 -22.29 -2.02
CA ARG A 496 -13.43 -22.58 -2.90
C ARG A 496 -14.30 -21.35 -3.14
N SER A 497 -14.57 -20.56 -2.09
CA SER A 497 -15.40 -19.37 -2.32
C SER A 497 -14.64 -18.35 -3.16
N VAL A 498 -13.34 -18.23 -2.93
CA VAL A 498 -12.51 -17.39 -3.81
C VAL A 498 -12.56 -17.84 -5.25
N GLN A 499 -12.50 -19.15 -5.49
CA GLN A 499 -12.58 -19.65 -6.85
C GLN A 499 -13.94 -19.32 -7.49
N ALA A 500 -14.99 -19.38 -6.67
CA ALA A 500 -16.29 -18.93 -7.18
C ALA A 500 -16.19 -17.48 -7.63
N LYS A 501 -15.77 -16.58 -6.74
CA LYS A 501 -15.65 -15.16 -7.09
C LYS A 501 -14.86 -14.94 -8.37
N GLY A 502 -13.74 -15.65 -8.50
CA GLY A 502 -12.88 -15.55 -9.67
C GLY A 502 -13.53 -16.07 -10.94
N LYS A 503 -14.19 -17.21 -10.96
CA LYS A 503 -15.02 -17.58 -12.11
C LYS A 503 -16.13 -16.58 -12.43
N TYR A 504 -16.72 -15.98 -11.43
CA TYR A 504 -17.77 -14.98 -11.57
C TYR A 504 -17.17 -13.75 -12.24
N VAL A 505 -15.97 -13.38 -11.78
CA VAL A 505 -15.29 -12.28 -12.46
C VAL A 505 -15.05 -12.55 -13.93
N LEU A 506 -14.55 -13.76 -14.24
CA LEU A 506 -14.27 -14.06 -15.65
C LEU A 506 -15.58 -14.14 -16.44
N ASP A 507 -16.60 -14.75 -15.86
CA ASP A 507 -17.88 -14.88 -16.57
C ASP A 507 -18.54 -13.53 -16.83
N LYS A 508 -18.52 -12.63 -15.86
CA LYS A 508 -19.12 -11.31 -16.02
C LYS A 508 -18.15 -10.27 -16.57
N GLN A 509 -16.95 -10.65 -16.97
CA GLN A 509 -15.96 -9.79 -17.57
C GLN A 509 -15.61 -8.62 -16.63
N LEU A 510 -15.58 -8.94 -15.36
CA LEU A 510 -15.16 -7.91 -14.38
C LEU A 510 -13.65 -7.75 -14.40
N GLY A 511 -13.15 -6.86 -13.52
CA GLY A 511 -11.76 -6.42 -13.63
C GLY A 511 -10.74 -7.33 -12.96
N GLY A 512 -11.16 -8.04 -11.91
CA GLY A 512 -10.20 -8.89 -11.21
C GLY A 512 -10.66 -9.07 -9.75
N LEU A 513 -9.75 -9.49 -8.88
CA LEU A 513 -10.01 -9.62 -7.46
C LEU A 513 -8.98 -8.81 -6.63
N PHE A 514 -9.43 -8.35 -5.46
CA PHE A 514 -8.45 -7.81 -4.51
C PHE A 514 -8.81 -8.33 -3.13
N SER A 515 -7.92 -8.16 -2.14
CA SER A 515 -8.08 -8.77 -0.84
C SER A 515 -7.68 -7.79 0.25
N TRP A 516 -8.30 -7.97 1.42
CA TRP A 516 -7.83 -7.38 2.68
C TRP A 516 -7.78 -8.52 3.71
N GLU A 517 -6.64 -8.68 4.37
CA GLU A 517 -5.44 -7.93 4.30
C GLU A 517 -4.24 -8.92 4.13
N ILE A 518 -3.25 -8.63 3.38
CA ILE A 518 -2.22 -9.60 3.00
C ILE A 518 -1.55 -10.32 4.17
N ASP A 519 -1.38 -9.71 5.33
CA ASP A 519 -0.74 -10.35 6.45
C ASP A 519 -1.52 -11.56 6.97
N ALA A 520 -2.83 -11.61 6.75
CA ALA A 520 -3.65 -12.60 7.45
C ALA A 520 -3.76 -13.90 6.64
N ASP A 521 -3.26 -13.91 5.42
CA ASP A 521 -3.42 -15.12 4.58
C ASP A 521 -2.32 -16.11 4.94
N ASN A 522 -2.56 -17.42 4.74
CA ASN A 522 -1.40 -18.32 4.74
C ASN A 522 -0.96 -18.73 3.34
N GLY A 523 -1.56 -18.16 2.31
CA GLY A 523 -1.25 -18.49 0.92
C GLY A 523 -2.49 -19.03 0.21
N ASP A 524 -3.37 -19.72 0.93
CA ASP A 524 -4.49 -20.38 0.27
C ASP A 524 -5.39 -19.38 -0.43
N ILE A 525 -5.55 -18.19 0.18
CA ILE A 525 -6.48 -17.24 -0.46
C ILE A 525 -5.90 -16.63 -1.72
N LEU A 526 -4.69 -16.09 -1.65
CA LEU A 526 -4.05 -15.48 -2.79
C LEU A 526 -3.71 -16.52 -3.87
N ASN A 527 -3.32 -17.74 -3.43
CA ASN A 527 -3.23 -18.79 -4.47
C ASN A 527 -4.53 -18.91 -5.24
N SER A 528 -5.66 -18.95 -4.57
CA SER A 528 -6.93 -19.19 -5.26
C SER A 528 -7.28 -17.96 -6.09
N MET A 529 -6.98 -16.75 -5.56
CA MET A 529 -7.30 -15.57 -6.41
C MET A 529 -6.63 -15.73 -7.76
N ASN A 530 -5.34 -16.08 -7.71
CA ASN A 530 -4.53 -16.22 -8.92
C ASN A 530 -5.04 -17.34 -9.83
N ALA A 531 -5.23 -18.52 -9.27
CA ALA A 531 -5.63 -19.68 -10.08
C ALA A 531 -7.00 -19.42 -10.71
N SER A 532 -7.92 -18.92 -9.90
CA SER A 532 -9.31 -18.77 -10.32
C SER A 532 -9.47 -17.73 -11.41
N LEU A 533 -8.54 -16.78 -11.53
CA LEU A 533 -8.60 -15.80 -12.61
C LEU A 533 -7.85 -16.23 -13.87
N GLY A 534 -7.26 -17.41 -13.83
CA GLY A 534 -6.59 -17.92 -15.05
C GLY A 534 -5.12 -17.68 -15.16
N ASN A 535 -4.43 -17.25 -14.11
CA ASN A 535 -3.00 -17.01 -14.10
C ASN A 535 -2.26 -18.37 -14.09
N SER A 536 -1.28 -18.46 -14.98
CA SER A 536 -0.51 -19.69 -15.13
C SER A 536 0.34 -19.93 -13.89
N ALA A 537 0.31 -21.18 -13.42
CA ALA A 537 1.25 -21.50 -12.34
C ALA A 537 2.67 -21.25 -12.83
N GLY A 538 3.57 -20.83 -11.96
CA GLY A 538 4.97 -20.69 -12.30
C GLY A 538 5.52 -19.27 -12.19
N VAL A 539 6.73 -19.12 -12.71
CA VAL A 539 7.51 -17.90 -12.50
C VAL A 539 7.86 -17.31 -13.87
N GLN A 540 7.70 -15.99 -14.02
CA GLN A 540 7.88 -15.40 -15.35
C GLN A 540 9.25 -15.78 -15.93
C1 NAG B . -22.31 -2.80 8.24
C2 NAG B . -21.52 -2.51 6.98
C3 NAG B . -20.03 -2.71 7.18
C4 NAG B . -19.51 -1.90 8.38
C5 NAG B . -20.48 -2.05 9.60
C6 NAG B . -20.24 -0.94 10.61
C7 NAG B . -22.55 -2.93 4.75
C8 NAG B . -22.97 -4.02 3.83
N2 NAG B . -21.98 -3.39 5.90
O1 NAG B . -23.65 -2.42 8.00
O3 NAG B . -19.46 -2.27 5.96
O4 NAG B . -18.21 -2.34 8.79
O5 NAG B . -21.82 -1.93 9.25
O6 NAG B . -19.90 -1.40 11.87
O7 NAG B . -22.69 -1.82 4.54
C1 NAG B . -17.14 -1.61 8.21
C2 NAG B . -15.86 -1.93 8.97
C3 NAG B . -14.59 -1.44 8.31
C4 NAG B . -14.57 -1.71 6.79
C5 NAG B . -15.96 -1.34 6.20
C6 NAG B . -16.00 -1.70 4.74
C7 NAG B . -16.19 -2.08 11.43
C8 NAG B . -16.66 -1.33 12.64
N2 NAG B . -15.96 -1.34 10.33
O3 NAG B . -13.53 -2.16 8.94
O4 NAG B . -13.61 -0.92 6.07
O5 NAG B . -16.97 -2.09 6.87
O6 NAG B . -17.25 -1.45 4.16
O7 NAG B . -16.02 -3.21 11.45
C1 NAG B . -12.37 -1.35 4.61
C2 NAG B . -11.22 -0.39 4.84
C3 NAG B . -10.45 -0.76 6.09
C4 NAG B . -11.03 -1.99 6.80
C5 NAG B . -11.31 -3.14 5.79
C6 NAG B . -12.52 -3.91 6.37
C7 NAG B . -10.19 -1.61 2.93
C8 NAG B . -9.58 -1.37 1.60
N2 NAG B . -10.35 -0.44 3.65
O3 NAG B . -10.51 0.36 6.97
O4 NAG B . -10.05 -2.58 7.68
O5 NAG B . -11.78 -2.66 4.58
O6 NAG B . -12.89 -4.91 5.51
O7 NAG B . -10.51 -2.66 3.30
C1 NAG B . -9.90 -1.99 8.92
C2 NAG B . -9.31 -3.04 9.88
C3 NAG B . -8.96 -2.39 11.21
C4 NAG B . -8.00 -1.19 10.99
C5 NAG B . -8.67 -0.24 9.98
C6 NAG B . -7.77 0.92 9.61
C7 NAG B . -10.22 -5.35 9.47
C8 NAG B . -11.43 -5.85 8.77
N2 NAG B . -10.31 -4.12 10.02
O3 NAG B . -8.32 -3.35 12.05
O4 NAG B . -7.67 -0.41 12.16
O5 NAG B . -8.87 -0.97 8.78
O6 NAG B . -8.40 2.15 9.69
O7 NAG B . -9.23 -5.96 9.54
C1 NAG B . -6.41 -0.72 12.70
C2 NAG B . -5.75 0.53 13.27
C3 NAG B . -4.43 0.10 13.91
C4 NAG B . -4.62 -0.98 14.98
C5 NAG B . -5.49 -2.13 14.42
C6 NAG B . -5.89 -3.12 15.49
C7 NAG B . -5.79 2.80 12.17
C8 NAG B . -4.98 3.65 11.25
N2 NAG B . -5.44 1.49 12.20
O3 NAG B . -3.73 1.20 14.47
O4 NAG B . -3.39 -1.63 15.28
O5 NAG B . -6.65 -1.61 13.82
O6 NAG B . -6.16 -4.41 15.00
O7 NAG B . -6.64 3.23 12.80
C1 NAG B . -2.48 -1.00 16.11
C2 NAG B . -1.40 -2.04 16.47
C3 NAG B . -0.38 -1.46 17.42
C4 NAG B . 0.30 -0.28 16.67
C5 NAG B . -0.78 0.69 16.09
C6 NAG B . -0.11 1.67 15.15
C7 NAG B . -2.25 -4.35 16.20
C8 NAG B . -3.34 -5.24 16.67
N2 NAG B . -2.01 -3.28 17.00
O3 NAG B . 0.65 -2.39 17.72
O4 NAG B . 1.11 0.45 17.62
O5 NAG B . -1.70 -0.08 15.31
O6 NAG B . -0.19 3.00 15.54
O7 NAG B . -1.64 -4.55 15.25
C1 NAG B . 2.43 -0.06 17.70
C2 NAG B . 3.30 1.13 18.16
C3 NAG B . 4.72 0.61 18.39
C4 NAG B . 4.60 -0.48 19.51
C5 NAG B . 3.70 -1.65 18.95
C6 NAG B . 3.57 -2.71 20.06
C7 NAG B . 3.38 3.45 17.18
C8 NAG B . 3.39 4.17 15.87
N2 NAG B . 3.28 2.11 17.03
O3 NAG B . 5.49 1.71 18.93
O4 NAG B . 5.90 -1.07 19.78
O5 NAG B . 2.41 -1.05 18.76
O6 NAG B . 3.20 -3.98 19.57
O7 NAG B . 3.47 3.95 18.20
#